data_8KBF
#
_entry.id   8KBF
#
_cell.length_a   101.270
_cell.length_b   101.270
_cell.length_c   101.270
_cell.angle_alpha   90.00
_cell.angle_beta   90.00
_cell.angle_gamma   90.00
#
_symmetry.space_group_name_H-M   'P 21 3'
#
loop_
_entity.id
_entity.type
_entity.pdbx_description
1 polymer 'Thoeris anti-defense 1'
2 polymer (2-ACETYL-5-METHYLANILINO)(2,6-DIBROMOPHENYL)ACETAMIDE
3 non-polymer (2R,3R,3aS,5S,6R,7S,8R,11R,13S,15aR)-2-(6-amino-9H-purin-9-yl)-3,6,7,11,13-pentahydroxyoctahydro-2H,5H,11H,13H-5,8-epoxy-11lambda~5~,13lambda~5~-furo[2,3-g][1,3,5,9,2,4]tetraoxadiphosphacyclotetradecine-11,13-dione
4 water water
#
loop_
_entity_poly.entity_id
_entity_poly.type
_entity_poly.pdbx_seq_one_letter_code
_entity_poly.pdbx_strand_id
1 'polypeptide(L)'
;MGSSHHHHHHSQDPMKELSTIQKREKLNTVERIGSEGPGGAYHEYVIKSNSMDSQGNYDVYETIKFQKGARKEEKSQHGV
IDSDLLEIVRDRLKSFQAGPFSSRENACALTHVEEALMWMNRRVEDRIERNVLGTNTK
;
A,B
2 'polyribonucleotide' AAA C,D
#
# COMPACT_ATOMS: atom_id res chain seq x y z
N PRO A 14 4.10 -4.73 23.81
CA PRO A 14 3.01 -4.90 22.85
C PRO A 14 3.39 -4.21 21.58
N MET A 15 4.65 -4.33 21.20
CA MET A 15 5.12 -3.57 20.07
C MET A 15 4.50 -3.91 18.78
N LYS A 16 4.49 -5.20 18.42
CA LYS A 16 3.85 -5.66 17.18
C LYS A 16 4.38 -4.88 16.01
N GLU A 17 5.62 -4.45 16.09
CA GLU A 17 6.18 -3.62 15.05
C GLU A 17 6.82 -4.45 14.03
N LEU A 18 6.64 -4.05 12.80
CA LEU A 18 7.23 -4.78 11.73
C LEU A 18 8.69 -4.52 11.51
N SER A 19 9.46 -5.57 11.31
CA SER A 19 10.86 -5.46 10.94
C SER A 19 10.92 -5.07 9.47
N THR A 20 11.39 -3.86 9.17
CA THR A 20 11.32 -3.33 7.82
C THR A 20 12.65 -3.51 7.10
N ILE A 21 12.59 -3.52 5.75
CA ILE A 21 13.80 -3.53 4.93
C ILE A 21 14.63 -2.28 5.23
N GLN A 22 13.97 -1.13 5.26
CA GLN A 22 14.66 0.12 5.56
C GLN A 22 15.09 0.15 7.02
N LYS A 23 16.33 0.49 7.27
CA LYS A 23 16.80 0.53 8.62
C LYS A 23 17.21 1.91 9.07
N ARG A 24 17.45 2.80 8.15
CA ARG A 24 17.84 4.16 8.49
C ARG A 24 16.96 5.26 8.01
N GLU A 25 16.80 6.26 8.85
CA GLU A 25 15.97 7.41 8.56
C GLU A 25 14.52 7.09 8.21
N LYS A 26 13.93 6.19 8.97
CA LYS A 26 12.57 5.87 8.73
C LYS A 26 11.66 6.90 9.29
N LEU A 27 10.79 7.42 8.47
CA LEU A 27 9.82 8.36 8.92
C LEU A 27 8.81 7.72 9.81
N ASN A 28 8.40 6.53 9.49
CA ASN A 28 7.36 5.90 10.23
C ASN A 28 7.54 4.46 10.65
N THR A 29 6.89 4.05 11.73
CA THR A 29 6.81 2.65 12.15
C THR A 29 5.47 2.09 11.69
N VAL A 30 5.46 0.79 11.44
CA VAL A 30 4.25 0.07 11.06
C VAL A 30 4.01 -1.06 12.06
N GLU A 31 2.75 -1.22 12.48
CA GLU A 31 2.34 -2.18 13.49
C GLU A 31 1.19 -3.03 12.99
N ARG A 32 1.25 -4.34 13.24
CA ARG A 32 0.07 -5.17 13.05
C ARG A 32 -0.85 -5.02 14.26
N ILE A 33 -2.16 -4.81 14.01
CA ILE A 33 -3.15 -4.60 15.07
C ILE A 33 -4.15 -5.75 15.05
N GLY A 34 -4.48 -6.24 16.25
CA GLY A 34 -5.42 -7.32 16.37
C GLY A 34 -4.72 -8.67 16.43
N SER A 35 -5.48 -9.69 16.05
CA SER A 35 -5.00 -11.06 16.09
C SER A 35 -4.97 -11.62 14.67
N GLU A 36 -4.36 -12.79 14.54
CA GLU A 36 -4.37 -13.47 13.26
C GLU A 36 -5.80 -13.79 12.87
N GLY A 37 -6.10 -13.68 11.58
CA GLY A 37 -7.43 -13.93 11.07
C GLY A 37 -7.45 -15.02 10.03
N PRO A 38 -8.38 -14.93 9.08
CA PRO A 38 -8.44 -15.92 7.98
C PRO A 38 -7.11 -16.06 7.24
N GLY A 39 -6.77 -17.29 6.88
CA GLY A 39 -5.53 -17.61 6.18
C GLY A 39 -4.26 -17.47 6.98
N GLY A 40 -4.34 -17.01 8.23
CA GLY A 40 -3.18 -16.76 9.06
C GLY A 40 -2.62 -15.36 9.04
N ALA A 41 -3.36 -14.40 8.49
CA ALA A 41 -2.90 -13.02 8.34
C ALA A 41 -3.70 -12.06 9.22
N TYR A 42 -3.07 -10.92 9.51
CA TYR A 42 -3.71 -9.82 10.21
C TYR A 42 -4.43 -8.95 9.19
N HIS A 43 -5.50 -8.29 9.63
CA HIS A 43 -6.33 -7.51 8.72
C HIS A 43 -6.44 -6.05 9.11
N GLU A 44 -5.61 -5.61 10.06
CA GLU A 44 -5.54 -4.21 10.46
C GLU A 44 -4.10 -3.86 10.76
N TYR A 45 -3.65 -2.70 10.27
CA TYR A 45 -2.30 -2.20 10.52
C TYR A 45 -2.35 -0.72 10.86
N VAL A 46 -1.35 -0.25 11.61
CA VAL A 46 -1.22 1.17 11.95
C VAL A 46 0.13 1.68 11.48
N ILE A 47 0.10 2.81 10.76
CA ILE A 47 1.27 3.57 10.34
C ILE A 47 1.35 4.80 11.23
N LYS A 48 2.48 4.96 11.88
CA LYS A 48 2.66 5.81 13.03
C LYS A 48 3.98 6.57 12.86
N SER A 49 3.98 7.86 13.14
CA SER A 49 5.19 8.66 13.02
C SER A 49 6.26 8.23 14.03
N ASN A 50 7.52 8.38 13.62
CA ASN A 50 8.58 8.47 14.62
C ASN A 50 8.67 9.85 15.24
N SER A 51 7.98 10.84 14.69
CA SER A 51 8.02 12.20 15.18
C SER A 51 6.73 12.52 15.93
N MET A 52 6.86 13.35 16.96
CA MET A 52 5.75 13.91 17.73
C MET A 52 5.64 15.43 17.53
N ASP A 53 4.44 15.94 17.76
CA ASP A 53 4.23 17.39 17.84
C ASP A 53 4.68 17.89 19.23
N SER A 54 4.43 19.17 19.52
CA SER A 54 4.93 19.76 20.74
C SER A 54 4.27 19.20 22.02
N GLN A 55 3.10 18.55 21.94
CA GLN A 55 2.51 17.95 23.14
C GLN A 55 2.58 16.42 23.13
N GLY A 56 3.53 15.83 22.43
CA GLY A 56 3.76 14.39 22.48
C GLY A 56 2.82 13.54 21.66
N ASN A 57 1.95 14.13 20.85
CA ASN A 57 1.10 13.35 19.95
C ASN A 57 1.84 13.00 18.66
N TYR A 58 1.41 11.89 18.04
CA TYR A 58 2.05 11.47 16.80
C TYR A 58 1.62 12.39 15.66
N ASP A 59 2.60 12.80 14.84
CA ASP A 59 2.28 13.59 13.65
C ASP A 59 1.44 12.80 12.66
N VAL A 60 1.63 11.49 12.61
CA VAL A 60 0.90 10.59 11.71
C VAL A 60 0.39 9.42 12.52
N TYR A 61 -0.92 9.17 12.45
CA TYR A 61 -1.49 7.97 13.03
C TYR A 61 -2.65 7.55 12.14
N GLU A 62 -2.36 6.62 11.22
CA GLU A 62 -3.30 6.16 10.21
C GLU A 62 -3.48 4.66 10.34
N THR A 63 -4.72 4.20 10.12
CA THR A 63 -5.06 2.79 10.22
C THR A 63 -5.53 2.27 8.87
N ILE A 64 -5.11 1.06 8.51
CA ILE A 64 -5.54 0.41 7.28
C ILE A 64 -6.20 -0.88 7.67
N LYS A 65 -7.46 -1.03 7.27
CA LYS A 65 -8.22 -2.23 7.59
C LYS A 65 -8.48 -2.98 6.29
N PHE A 66 -8.11 -4.26 6.27
CA PHE A 66 -8.22 -5.09 5.06
C PHE A 66 -9.52 -5.89 5.07
N GLN A 67 -10.05 -6.13 3.85
CA GLN A 67 -11.11 -7.12 3.64
C GLN A 67 -10.84 -8.37 4.46
N LYS A 68 -11.68 -8.66 5.44
CA LYS A 68 -11.42 -9.76 6.38
C LYS A 68 -12.51 -10.79 6.18
N GLY A 69 -12.12 -11.96 5.68
CA GLY A 69 -13.12 -12.95 5.37
C GLY A 69 -13.58 -12.68 3.96
N ALA A 70 -13.59 -13.73 3.13
CA ALA A 70 -13.82 -13.55 1.71
C ALA A 70 -15.13 -12.81 1.44
N ARG A 71 -15.20 -12.23 0.24
CA ARG A 71 -16.31 -11.35 -0.15
C ARG A 71 -17.63 -12.11 -0.28
N LYS A 72 -17.57 -13.40 -0.64
CA LYS A 72 -18.73 -14.25 -0.87
C LYS A 72 -19.27 -14.93 0.39
N GLU A 73 -18.47 -15.05 1.45
CA GLU A 73 -18.98 -15.67 2.66
C GLU A 73 -19.87 -14.68 3.41
N GLU A 74 -20.66 -15.22 4.34
CA GLU A 74 -21.39 -14.31 5.19
C GLU A 74 -20.48 -13.88 6.34
N LYS A 75 -20.86 -12.77 6.99
CA LYS A 75 -20.18 -12.30 8.20
C LYS A 75 -18.73 -11.90 7.92
N SER A 76 -18.57 -10.88 7.06
CA SER A 76 -17.27 -10.44 6.56
C SER A 76 -17.17 -8.93 6.82
N GLN A 77 -15.96 -8.48 7.14
CA GLN A 77 -15.74 -7.07 7.31
C GLN A 77 -15.07 -6.57 6.07
N HIS A 78 -15.64 -5.55 5.51
CA HIS A 78 -15.13 -5.03 4.30
C HIS A 78 -13.98 -4.14 4.45
N GLY A 79 -13.12 -4.15 3.45
CA GLY A 79 -11.96 -3.30 3.48
C GLY A 79 -11.08 -3.28 2.28
N VAL A 80 -9.85 -2.86 2.48
CA VAL A 80 -8.89 -2.75 1.39
C VAL A 80 -8.26 -4.10 1.09
N ILE A 81 -7.78 -4.26 -0.14
CA ILE A 81 -7.02 -5.42 -0.55
C ILE A 81 -5.66 -4.95 -1.07
N ASP A 82 -4.69 -5.87 -1.02
CA ASP A 82 -3.28 -5.49 -1.19
C ASP A 82 -2.98 -4.85 -2.56
N SER A 83 -3.68 -5.30 -3.61
CA SER A 83 -3.53 -4.70 -4.93
C SER A 83 -3.79 -3.22 -4.92
N ASP A 84 -4.69 -2.75 -4.06
CA ASP A 84 -4.97 -1.32 -3.96
C ASP A 84 -3.73 -0.57 -3.47
N LEU A 85 -3.10 -1.07 -2.40
CA LEU A 85 -1.91 -0.38 -1.91
C LEU A 85 -0.83 -0.37 -2.98
N LEU A 86 -0.62 -1.52 -3.65
CA LEU A 86 0.42 -1.53 -4.69
C LEU A 86 0.05 -0.65 -5.87
N GLU A 87 -1.25 -0.58 -6.22
CA GLU A 87 -1.65 0.27 -7.34
C GLU A 87 -1.41 1.73 -7.03
N ILE A 88 -1.62 2.14 -5.76
CA ILE A 88 -1.32 3.51 -5.38
C ILE A 88 0.18 3.78 -5.50
N VAL A 89 1.01 2.87 -4.96
CA VAL A 89 2.46 3.05 -5.05
C VAL A 89 2.92 3.06 -6.49
N ARG A 90 2.28 2.30 -7.35
CA ARG A 90 2.63 2.30 -8.74
C ARG A 90 2.43 3.64 -9.38
N ASP A 91 1.29 4.24 -9.14
CA ASP A 91 0.96 5.51 -9.74
C ASP A 91 1.85 6.58 -9.28
N ARG A 92 2.15 6.54 -8.01
CA ARG A 92 3.04 7.51 -7.47
C ARG A 92 4.44 7.44 -8.06
N LEU A 93 4.97 6.25 -8.20
CA LEU A 93 6.28 6.08 -8.78
C LEU A 93 6.32 6.53 -10.22
N LYS A 94 5.29 6.24 -11.00
CA LYS A 94 5.23 6.71 -12.36
C LYS A 94 5.19 8.20 -12.44
N SER A 95 4.46 8.83 -11.54
CA SER A 95 4.43 10.27 -11.50
C SER A 95 5.78 10.84 -11.17
N PHE A 96 6.46 10.27 -10.20
CA PHE A 96 7.80 10.69 -9.87
C PHE A 96 8.76 10.45 -11.04
N GLN A 97 8.59 9.35 -11.73
CA GLN A 97 9.42 9.08 -12.88
C GLN A 97 9.27 10.05 -14.03
N ALA A 98 8.07 10.54 -14.25
CA ALA A 98 7.82 11.52 -15.28
C ALA A 98 8.17 12.89 -14.85
N GLY A 99 8.41 13.05 -13.58
CA GLY A 99 8.78 14.33 -13.05
C GLY A 99 10.21 14.73 -12.91
N PRO A 100 10.45 15.82 -12.24
CA PRO A 100 11.78 16.36 -12.03
C PRO A 100 12.78 15.54 -11.26
N PHE A 101 12.36 14.81 -10.25
CA PHE A 101 13.26 14.06 -9.41
C PHE A 101 13.26 12.56 -9.63
N SER A 102 13.49 12.13 -10.85
CA SER A 102 13.51 10.72 -11.21
C SER A 102 14.74 9.93 -10.83
N SER A 103 14.64 8.61 -10.82
CA SER A 103 15.78 7.75 -10.54
C SER A 103 15.75 6.34 -11.07
N ARG A 104 16.90 5.72 -11.20
CA ARG A 104 16.98 4.31 -11.59
C ARG A 104 16.40 3.45 -10.50
N GLU A 105 16.62 3.86 -9.29
CA GLU A 105 16.12 3.14 -8.19
C GLU A 105 14.61 3.11 -8.20
N ASN A 106 14.00 4.21 -8.56
CA ASN A 106 12.57 4.27 -8.66
C ASN A 106 12.09 3.41 -9.78
N ALA A 107 12.84 3.40 -10.86
CA ALA A 107 12.41 2.63 -11.99
C ALA A 107 12.45 1.14 -11.70
N CYS A 108 13.51 0.68 -11.01
CA CYS A 108 13.58 -0.72 -10.60
C CYS A 108 12.46 -1.07 -9.61
N ALA A 109 12.23 -0.20 -8.61
CA ALA A 109 11.16 -0.45 -7.65
C ALA A 109 9.82 -0.51 -8.36
N LEU A 110 9.58 0.39 -9.32
CA LEU A 110 8.33 0.39 -10.05
C LEU A 110 8.15 -0.89 -10.86
N THR A 111 9.21 -1.32 -11.57
CA THR A 111 9.07 -2.56 -12.32
C THR A 111 8.76 -3.74 -11.40
N HIS A 112 9.43 -3.79 -10.24
CA HIS A 112 9.12 -4.86 -9.30
C HIS A 112 7.72 -4.76 -8.73
N VAL A 113 7.22 -3.53 -8.49
CA VAL A 113 5.86 -3.37 -7.99
C VAL A 113 4.85 -3.85 -9.03
N GLU A 114 5.10 -3.50 -10.29
CA GLU A 114 4.19 -3.89 -11.36
C GLU A 114 4.18 -5.40 -11.56
N GLU A 115 5.35 -6.04 -11.43
CA GLU A 115 5.40 -7.49 -11.54
C GLU A 115 4.74 -8.16 -10.34
N ALA A 116 4.87 -7.58 -9.15
CA ALA A 116 4.13 -8.10 -8.02
C ALA A 116 2.64 -8.01 -8.29
N LEU A 117 2.20 -6.87 -8.82
CA LEU A 117 0.80 -6.71 -9.16
C LEU A 117 0.35 -7.73 -10.18
N MET A 118 1.21 -8.04 -11.16
CA MET A 118 0.89 -9.02 -12.19
C MET A 118 0.80 -10.43 -11.62
N TRP A 119 1.63 -10.74 -10.62
CA TRP A 119 1.51 -12.03 -9.96
C TRP A 119 0.26 -12.11 -9.09
N MET A 120 -0.18 -11.01 -8.53
CA MET A 120 -1.40 -11.01 -7.76
C MET A 120 -2.62 -11.22 -8.65
N ASN A 121 -2.62 -10.63 -9.82
CA ASN A 121 -3.68 -10.86 -10.77
C ASN A 121 -3.71 -12.28 -11.23
N ARG A 122 -2.56 -12.89 -11.38
CA ARG A 122 -2.50 -14.26 -11.77
C ARG A 122 -3.18 -15.15 -10.75
N ARG A 123 -3.01 -14.88 -9.47
CA ARG A 123 -3.71 -15.62 -8.47
C ARG A 123 -5.21 -15.43 -8.61
N VAL A 124 -5.65 -14.21 -8.80
CA VAL A 124 -7.03 -13.93 -8.93
C VAL A 124 -7.52 -14.71 -10.12
N GLU A 125 -6.83 -14.62 -11.24
CA GLU A 125 -7.36 -15.30 -12.42
C GLU A 125 -7.34 -16.82 -12.26
N ASP A 126 -6.31 -17.36 -11.59
CA ASP A 126 -6.29 -18.79 -11.29
C ASP A 126 -7.45 -19.18 -10.37
N ARG A 127 -7.78 -18.34 -9.38
CA ARG A 127 -8.88 -18.68 -8.48
C ARG A 127 -10.23 -18.50 -9.16
N ILE A 128 -10.33 -17.57 -10.11
CA ILE A 128 -11.52 -17.47 -10.94
C ILE A 128 -11.70 -18.75 -11.77
N GLU A 129 -10.64 -19.16 -12.46
CA GLU A 129 -10.74 -20.35 -13.31
C GLU A 129 -11.05 -21.60 -12.49
N ARG A 130 -10.41 -21.75 -11.33
CA ARG A 130 -10.75 -22.86 -10.46
C ARG A 130 -12.06 -22.57 -9.73
N ASN A 131 -12.57 -21.34 -9.89
CA ASN A 131 -13.86 -20.95 -9.37
C ASN A 131 -13.95 -21.17 -7.86
N VAL A 132 -12.90 -20.75 -7.17
CA VAL A 132 -12.82 -20.69 -5.71
C VAL A 132 -12.66 -19.26 -5.21
N LEU A 133 -12.64 -18.27 -6.10
CA LEU A 133 -12.45 -16.88 -5.70
C LEU A 133 -13.57 -16.44 -4.77
N GLY A 134 -13.19 -15.87 -3.64
CA GLY A 134 -14.16 -15.47 -2.65
C GLY A 134 -14.60 -16.58 -1.72
N THR A 135 -13.87 -17.69 -1.67
CA THR A 135 -14.10 -18.79 -0.74
C THR A 135 -12.80 -19.13 -0.03
N ASN A 136 -12.90 -19.86 1.09
CA ASN A 136 -11.73 -20.22 1.89
C ASN A 136 -11.16 -21.58 1.47
N THR A 137 -10.51 -21.59 0.30
CA THR A 137 -9.96 -22.81 -0.27
C THR A 137 -8.55 -22.53 -0.79
N LYS A 138 -7.70 -23.56 -0.80
CA LYS A 138 -6.48 -23.47 -1.56
C LYS A 138 -6.83 -23.18 -3.02
N HIS B 7 -20.18 7.62 5.32
CA HIS B 7 -20.59 9.01 5.16
C HIS B 7 -20.56 9.47 3.69
N HIS B 8 -20.20 8.60 2.75
CA HIS B 8 -19.97 8.96 1.35
C HIS B 8 -20.93 8.21 0.44
N HIS B 9 -21.66 8.95 -0.40
CA HIS B 9 -22.65 8.39 -1.31
C HIS B 9 -22.01 7.93 -2.60
N HIS B 10 -22.69 7.05 -3.32
CA HIS B 10 -22.04 6.27 -4.34
C HIS B 10 -21.92 7.14 -5.60
N PRO B 14 -13.40 8.59 -14.01
CA PRO B 14 -13.05 9.55 -15.03
C PRO B 14 -11.56 9.51 -15.35
N MET B 15 -10.95 10.68 -15.29
CA MET B 15 -9.50 10.77 -15.32
C MET B 15 -8.94 10.28 -14.01
N LYS B 16 -9.65 10.58 -12.91
CA LYS B 16 -9.16 10.34 -11.57
C LYS B 16 -9.05 8.85 -11.20
N GLU B 17 -9.85 7.97 -11.78
CA GLU B 17 -9.77 6.57 -11.35
C GLU B 17 -8.53 5.92 -11.95
N LEU B 18 -7.81 5.15 -11.12
CA LEU B 18 -6.59 4.49 -11.60
C LEU B 18 -6.92 3.28 -12.48
N SER B 19 -6.22 3.18 -13.60
CA SER B 19 -6.25 2.00 -14.46
C SER B 19 -5.33 0.95 -13.86
N THR B 20 -5.92 -0.15 -13.41
CA THR B 20 -5.20 -1.14 -12.64
C THR B 20 -4.79 -2.34 -13.49
N ILE B 21 -3.77 -3.06 -13.01
CA ILE B 21 -3.34 -4.30 -13.63
C ILE B 21 -4.49 -5.31 -13.62
N GLN B 22 -5.18 -5.43 -12.50
CA GLN B 22 -6.33 -6.32 -12.39
C GLN B 22 -7.48 -5.74 -13.19
N LYS B 23 -8.11 -6.58 -14.01
CA LYS B 23 -9.21 -6.14 -14.86
C LYS B 23 -10.55 -6.75 -14.51
N ARG B 24 -10.58 -7.97 -13.97
CA ARG B 24 -11.82 -8.68 -13.71
C ARG B 24 -11.98 -8.92 -12.23
N GLU B 25 -13.23 -8.81 -11.76
CA GLU B 25 -13.60 -9.08 -10.37
C GLU B 25 -12.84 -8.19 -9.38
N LYS B 26 -12.65 -6.91 -9.74
CA LYS B 26 -12.04 -5.98 -8.80
C LYS B 26 -12.93 -5.75 -7.59
N LEU B 27 -12.35 -5.84 -6.39
CA LEU B 27 -13.10 -5.48 -5.19
C LEU B 27 -13.36 -3.97 -5.12
N ASN B 28 -12.33 -3.17 -5.35
CA ASN B 28 -12.41 -1.74 -5.10
C ASN B 28 -11.90 -0.96 -6.29
N THR B 29 -12.30 0.29 -6.34
CA THR B 29 -11.70 1.28 -7.21
C THR B 29 -10.73 2.14 -6.39
N VAL B 30 -9.64 2.56 -7.03
CA VAL B 30 -8.68 3.45 -6.40
C VAL B 30 -8.68 4.73 -7.20
N GLU B 31 -8.70 5.87 -6.50
CA GLU B 31 -8.87 7.11 -7.22
C GLU B 31 -7.87 8.10 -6.60
N ARG B 32 -7.19 8.87 -7.46
CA ARG B 32 -6.34 9.96 -6.99
C ARG B 32 -7.18 11.17 -6.60
N ILE B 33 -6.84 11.78 -5.46
CA ILE B 33 -7.55 12.91 -4.91
C ILE B 33 -6.61 14.11 -4.96
N GLY B 34 -7.14 15.26 -5.37
CA GLY B 34 -6.34 16.47 -5.40
C GLY B 34 -5.66 16.69 -6.74
N SER B 35 -4.61 17.49 -6.68
CA SER B 35 -3.83 17.90 -7.83
C SER B 35 -2.41 17.39 -7.71
N GLU B 36 -1.65 17.56 -8.77
CA GLU B 36 -0.24 17.22 -8.71
C GLU B 36 0.48 18.11 -7.71
N GLY B 37 1.37 17.52 -6.92
CA GLY B 37 2.13 18.22 -5.91
C GLY B 37 3.63 18.07 -6.11
N PRO B 38 4.38 18.02 -5.01
CA PRO B 38 5.84 17.85 -5.12
C PRO B 38 6.25 16.64 -5.96
N GLY B 39 7.29 16.83 -6.77
CA GLY B 39 7.74 15.80 -7.66
C GLY B 39 6.82 15.51 -8.82
N GLY B 40 5.65 16.15 -8.89
CA GLY B 40 4.71 15.80 -9.93
C GLY B 40 3.77 14.69 -9.55
N ALA B 41 3.69 14.35 -8.27
CA ALA B 41 2.92 13.22 -7.78
C ALA B 41 1.71 13.71 -7.02
N TYR B 42 0.71 12.83 -6.92
CA TYR B 42 -0.44 13.04 -6.06
C TYR B 42 -0.08 12.54 -4.67
N HIS B 43 -0.69 13.15 -3.64
CA HIS B 43 -0.36 12.79 -2.26
C HIS B 43 -1.59 12.38 -1.45
N GLU B 44 -2.72 12.16 -2.12
CA GLU B 44 -3.92 11.64 -1.48
C GLU B 44 -4.60 10.69 -2.47
N TYR B 45 -5.01 9.53 -1.96
CA TYR B 45 -5.76 8.56 -2.74
C TYR B 45 -6.90 8.05 -1.88
N VAL B 46 -7.99 7.62 -2.53
CA VAL B 46 -9.12 7.00 -1.86
C VAL B 46 -9.35 5.62 -2.46
N ILE B 47 -9.52 4.63 -1.58
CA ILE B 47 -9.89 3.27 -1.97
C ILE B 47 -11.34 3.07 -1.58
N LYS B 48 -12.18 2.77 -2.56
CA LYS B 48 -13.62 2.71 -2.31
C LYS B 48 -14.23 1.46 -2.94
N SER B 49 -15.14 0.84 -2.20
CA SER B 49 -15.77 -0.39 -2.63
C SER B 49 -16.52 -0.22 -3.95
N ASN B 50 -16.61 -1.30 -4.72
CA ASN B 50 -17.54 -1.47 -5.84
C ASN B 50 -18.97 -1.77 -5.40
N SER B 51 -19.22 -1.97 -4.10
CA SER B 51 -20.53 -2.32 -3.58
C SER B 51 -21.19 -1.14 -2.85
N MET B 52 -22.51 -1.07 -2.93
CA MET B 52 -23.28 -0.09 -2.17
C MET B 52 -23.82 -0.78 -0.93
N ASP B 53 -24.06 0.00 0.13
CA ASP B 53 -24.90 -0.48 1.22
C ASP B 53 -26.36 -0.23 0.82
N SER B 54 -27.30 -0.47 1.75
CA SER B 54 -28.71 -0.46 1.37
C SER B 54 -29.21 0.92 0.94
N GLN B 55 -28.57 2.01 1.36
CA GLN B 55 -28.94 3.35 0.92
C GLN B 55 -27.82 4.06 0.13
N GLY B 56 -27.03 3.31 -0.62
CA GLY B 56 -26.12 3.91 -1.58
C GLY B 56 -24.80 4.46 -1.05
N ASN B 57 -24.46 4.20 0.21
CA ASN B 57 -23.14 4.54 0.71
C ASN B 57 -22.15 3.42 0.38
N TYR B 58 -20.88 3.80 0.27
CA TYR B 58 -19.82 2.82 -0.01
C TYR B 58 -19.58 1.94 1.22
N ASP B 59 -19.44 0.64 1.00
CA ASP B 59 -19.03 -0.23 2.10
C ASP B 59 -17.62 0.12 2.56
N VAL B 60 -16.76 0.53 1.62
CA VAL B 60 -15.37 0.91 1.90
C VAL B 60 -15.11 2.28 1.29
N TYR B 61 -14.66 3.23 2.12
CA TYR B 61 -14.20 4.54 1.64
C TYR B 61 -13.06 4.93 2.58
N GLU B 62 -11.84 4.60 2.19
CA GLU B 62 -10.69 4.88 3.02
C GLU B 62 -9.74 5.78 2.25
N THR B 63 -9.13 6.72 2.96
CA THR B 63 -8.23 7.69 2.35
C THR B 63 -6.82 7.41 2.83
N ILE B 64 -5.85 7.62 1.94
CA ILE B 64 -4.44 7.48 2.22
C ILE B 64 -3.77 8.81 1.87
N LYS B 65 -3.14 9.43 2.86
CA LYS B 65 -2.47 10.71 2.69
C LYS B 65 -0.98 10.51 2.79
N PHE B 66 -0.25 10.97 1.78
CA PHE B 66 1.20 10.80 1.76
C PHE B 66 1.92 12.02 2.31
N GLN B 67 3.05 11.79 2.96
CA GLN B 67 4.02 12.82 3.27
C GLN B 67 4.18 13.74 2.07
N LYS B 68 3.82 15.01 2.24
CA LYS B 68 3.79 15.98 1.14
C LYS B 68 4.80 17.06 1.49
N GLY B 69 5.85 17.17 0.69
CA GLY B 69 6.93 18.08 0.97
C GLY B 69 7.95 17.40 1.85
N ALA B 70 9.19 17.38 1.38
CA ALA B 70 10.24 16.56 1.96
C ALA B 70 10.45 16.90 3.44
N ARG B 71 11.21 16.05 4.12
CA ARG B 71 11.46 16.23 5.55
C ARG B 71 12.37 17.40 5.95
N LYS B 72 13.34 17.77 5.13
CA LYS B 72 14.22 18.88 5.45
C LYS B 72 13.78 20.12 4.72
N GLU B 73 12.69 20.00 3.98
CA GLU B 73 12.14 21.14 3.29
C GLU B 73 11.03 21.72 4.14
N GLU B 74 10.68 22.97 3.91
CA GLU B 74 9.68 23.62 4.73
C GLU B 74 8.24 23.30 4.47
N LYS B 75 7.40 23.58 5.45
CA LYS B 75 5.94 23.45 5.27
C LYS B 75 5.42 22.13 4.77
N SER B 76 5.77 21.05 5.44
CA SER B 76 5.40 19.76 4.98
C SER B 76 4.23 19.08 5.68
N GLN B 77 3.23 18.65 4.92
CA GLN B 77 2.13 17.88 5.50
C GLN B 77 2.61 16.49 5.85
N HIS B 78 2.34 16.04 7.05
CA HIS B 78 2.83 14.76 7.44
C HIS B 78 1.98 13.59 7.08
N GLY B 79 2.62 12.48 6.73
CA GLY B 79 1.89 11.33 6.30
C GLY B 79 2.63 10.05 6.01
N VAL B 80 1.96 9.16 5.32
CA VAL B 80 2.52 7.90 4.94
C VAL B 80 3.53 7.98 3.83
N ILE B 81 4.45 7.06 3.80
CA ILE B 81 5.41 6.98 2.71
C ILE B 81 5.27 5.59 2.07
N ASP B 82 5.67 5.49 0.81
CA ASP B 82 5.28 4.32 0.01
C ASP B 82 5.81 3.00 0.59
N SER B 83 7.03 3.00 1.14
CA SER B 83 7.59 1.78 1.73
C SER B 83 6.72 1.25 2.88
N ASP B 84 5.99 2.13 3.58
CA ASP B 84 5.11 1.62 4.63
C ASP B 84 4.05 0.70 4.03
N LEU B 85 3.42 1.15 2.94
CA LEU B 85 2.41 0.32 2.30
C LEU B 85 3.02 -0.99 1.84
N LEU B 86 4.21 -0.93 1.24
CA LEU B 86 4.77 -2.20 0.79
C LEU B 86 5.12 -3.08 1.98
N GLU B 87 5.52 -2.52 3.11
CA GLU B 87 5.84 -3.39 4.24
C GLU B 87 4.59 -4.06 4.78
N ILE B 88 3.44 -3.37 4.74
CA ILE B 88 2.20 -4.02 5.13
C ILE B 88 1.90 -5.19 4.20
N VAL B 89 1.98 -4.94 2.88
CA VAL B 89 1.70 -6.02 1.93
C VAL B 89 2.70 -7.16 2.11
N ARG B 90 3.95 -6.83 2.39
CA ARG B 90 4.94 -7.86 2.62
C ARG B 90 4.56 -8.73 3.81
N ASP B 91 4.10 -8.09 4.91
CA ASP B 91 3.75 -8.86 6.10
C ASP B 91 2.55 -9.77 5.84
N ARG B 92 1.56 -9.26 5.12
CA ARG B 92 0.40 -10.08 4.79
C ARG B 92 0.78 -11.27 3.91
N LEU B 93 1.64 -11.09 2.90
CA LEU B 93 1.98 -12.23 2.05
C LEU B 93 2.84 -13.23 2.82
N LYS B 94 3.76 -12.75 3.64
CA LYS B 94 4.51 -13.65 4.52
C LYS B 94 3.53 -14.52 5.33
N SER B 95 2.50 -13.88 5.89
CA SER B 95 1.54 -14.62 6.71
C SER B 95 0.75 -15.63 5.88
N PHE B 96 0.22 -15.22 4.73
CA PHE B 96 -0.53 -16.16 3.90
C PHE B 96 0.33 -17.35 3.51
N GLN B 97 1.61 -17.09 3.26
CA GLN B 97 2.52 -18.16 2.85
C GLN B 97 2.78 -19.15 3.97
N ALA B 98 2.78 -18.70 5.22
CA ALA B 98 2.94 -19.63 6.33
C ALA B 98 1.63 -20.32 6.70
N GLY B 99 0.50 -19.92 6.11
CA GLY B 99 -0.79 -20.44 6.48
C GLY B 99 -1.32 -21.50 5.52
N PRO B 100 -2.61 -21.80 5.64
CA PRO B 100 -3.18 -22.91 4.86
C PRO B 100 -3.38 -22.60 3.38
N PHE B 101 -3.39 -21.35 2.97
CA PHE B 101 -3.71 -21.04 1.58
C PHE B 101 -2.54 -20.41 0.84
N SER B 102 -1.34 -20.99 0.98
CA SER B 102 -0.17 -20.47 0.28
C SER B 102 -0.29 -20.74 -1.22
N SER B 103 0.61 -20.13 -1.99
CA SER B 103 0.61 -20.37 -3.43
C SER B 103 1.92 -19.88 -4.02
N ARG B 104 2.25 -20.41 -5.21
CA ARG B 104 3.42 -19.92 -5.94
C ARG B 104 3.24 -18.45 -6.32
N GLU B 105 2.04 -18.06 -6.64
CA GLU B 105 1.79 -16.72 -7.07
C GLU B 105 2.06 -15.71 -5.96
N ASN B 106 1.69 -16.04 -4.75
CA ASN B 106 1.97 -15.20 -3.61
C ASN B 106 3.44 -15.07 -3.37
N ALA B 107 4.15 -16.16 -3.53
CA ALA B 107 5.57 -16.14 -3.35
C ALA B 107 6.27 -15.26 -4.32
N CYS B 108 5.87 -15.35 -5.57
CA CYS B 108 6.47 -14.54 -6.59
C CYS B 108 6.17 -13.10 -6.32
N ALA B 109 4.96 -12.82 -5.91
CA ALA B 109 4.60 -11.48 -5.56
C ALA B 109 5.36 -10.96 -4.37
N LEU B 110 5.53 -11.78 -3.36
CA LEU B 110 6.30 -11.39 -2.20
C LEU B 110 7.73 -11.08 -2.58
N THR B 111 8.36 -11.95 -3.33
CA THR B 111 9.75 -11.70 -3.68
C THR B 111 9.88 -10.38 -4.42
N HIS B 112 8.95 -10.12 -5.34
CA HIS B 112 8.99 -8.85 -6.06
C HIS B 112 8.71 -7.69 -5.13
N VAL B 113 7.82 -7.86 -4.15
CA VAL B 113 7.54 -6.77 -3.22
C VAL B 113 8.76 -6.46 -2.39
N GLU B 114 9.48 -7.49 -1.96
CA GLU B 114 10.66 -7.28 -1.15
C GLU B 114 11.76 -6.62 -1.96
N GLU B 115 11.86 -6.98 -3.24
CA GLU B 115 12.89 -6.35 -4.08
C GLU B 115 12.52 -4.90 -4.38
N ALA B 116 11.23 -4.62 -4.55
CA ALA B 116 10.81 -3.22 -4.67
C ALA B 116 11.21 -2.45 -3.42
N LEU B 117 10.97 -3.03 -2.24
CA LEU B 117 11.33 -2.40 -0.98
C LEU B 117 12.84 -2.23 -0.87
N MET B 118 13.60 -3.22 -1.34
CA MET B 118 15.04 -3.11 -1.30
C MET B 118 15.52 -1.97 -2.20
N TRP B 119 14.85 -1.77 -3.34
CA TRP B 119 15.23 -0.67 -4.22
C TRP B 119 14.83 0.69 -3.64
N MET B 120 13.69 0.74 -2.94
CA MET B 120 13.33 1.98 -2.26
C MET B 120 14.31 2.32 -1.15
N ASN B 121 14.75 1.31 -0.39
CA ASN B 121 15.79 1.57 0.60
C ASN B 121 17.09 1.98 -0.08
N ARG B 122 17.42 1.34 -1.21
CA ARG B 122 18.61 1.71 -1.95
C ARG B 122 18.57 3.17 -2.32
N ARG B 123 17.40 3.67 -2.75
CA ARG B 123 17.23 5.09 -3.01
C ARG B 123 17.46 5.93 -1.77
N VAL B 124 16.91 5.50 -0.62
CA VAL B 124 17.09 6.25 0.62
C VAL B 124 18.59 6.39 0.96
N GLU B 125 19.32 5.28 0.87
CA GLU B 125 20.73 5.31 1.25
C GLU B 125 21.57 6.12 0.24
N ASP B 126 21.25 6.03 -1.05
CA ASP B 126 21.93 6.88 -2.03
C ASP B 126 21.70 8.34 -1.74
N ARG B 127 20.49 8.71 -1.30
CA ARG B 127 20.22 10.12 -1.04
C ARG B 127 20.83 10.58 0.28
N ILE B 128 20.97 9.67 1.25
CA ILE B 128 21.70 9.98 2.47
C ILE B 128 23.17 10.25 2.14
N GLU B 129 23.76 9.36 1.35
CA GLU B 129 25.18 9.45 1.01
C GLU B 129 25.52 10.74 0.29
N ARG B 130 24.64 11.20 -0.60
CA ARG B 130 24.80 12.48 -1.27
C ARG B 130 24.33 13.68 -0.42
N ASN B 131 23.79 13.41 0.77
CA ASN B 131 23.28 14.46 1.67
C ASN B 131 22.17 15.29 1.02
N VAL B 132 21.28 14.62 0.31
CA VAL B 132 20.12 15.27 -0.29
C VAL B 132 18.80 14.73 0.23
N LEU B 133 18.83 13.75 1.14
CA LEU B 133 17.57 13.18 1.60
C LEU B 133 16.73 14.26 2.28
N GLY B 134 15.48 14.36 1.85
CA GLY B 134 14.60 15.41 2.37
C GLY B 134 14.71 16.75 1.69
N THR B 135 15.33 16.82 0.51
CA THR B 135 15.39 18.07 -0.22
C THR B 135 14.84 17.86 -1.63
N ASN B 136 14.45 18.95 -2.27
CA ASN B 136 13.90 18.88 -3.62
C ASN B 136 15.05 18.90 -4.62
N THR B 137 15.77 17.77 -4.67
CA THR B 137 16.96 17.60 -5.50
C THR B 137 16.85 16.28 -6.22
N LYS B 138 17.37 16.23 -7.44
CA LYS B 138 17.55 14.99 -8.18
C LYS B 138 18.39 13.97 -7.41
#